data_4WBD
#
_entry.id   4WBD
#
_cell.length_a   82.530
_cell.length_b   92.160
_cell.length_c   87.377
_cell.angle_alpha   90.000
_cell.angle_beta   116.830
_cell.angle_gamma   90.000
#
_symmetry.space_group_name_H-M   'I 1 2 1'
#
loop_
_entity.id
_entity.type
_entity.pdbx_description
1 polymer BSHC
2 non-polymer "ADENOSINE-5'-DIPHOSPHATE"
3 non-polymer 'CITRIC ACID'
4 non-polymer GLYCEROL
5 water water
#
_entity_poly.entity_id   1
_entity_poly.type   'polypeptide(L)'
_entity_poly.pdbx_seq_one_letter_code
;GHMQLTELSIKNQNVFVQHYIDGKEEMSSFFDYSIHHKDMWRERLEDLSSRFFAREELAAYLTSYHNKFGSSAMQSAIEK
LKDPSSAAVVGGQQAGLLTGPLYTIHKIISIIVLAKQQEKELQVPVIPIFWVAGEDHDLDEINFVHTSEENGPVKKKLPQ
SYWKKSSAASTSLDQEKCAAWIDDVFAAFEETDHTNTLLDNVKRCLRESVTFTDFFELLIADLFQEEGLVLLNSGDPGIK
KLETAMFQKILRENDELARAVSDQQAFMRQAGYKPIIESGKEQANLFYEYEDERFLIEKDNGRFVIKELDLGWTRDELHT
HMEEHPERFSNNVVTRPLMQEFLIPTLAFIAGPGEINYWGELKQAFAVMGFKMPPVMPRLNITILERHIEKKLAERNISL
QDAIERGTENQRETYFERQIPEEFTAVMDQAKSQIEAIHKTVRQEALKVDQSLEPLLLKNAAFIQDQLQFLERTVMKRIE
EKEGYVLKDYERIQNSIKPLLAPQERIWNIMYYLNRYGPKFFTTFKNLPFSFQNQHQVVKL
;
_entity_poly.pdbx_strand_id   A
#
loop_
_chem_comp.id
_chem_comp.type
_chem_comp.name
_chem_comp.formula
ADP non-polymer ADENOSINE-5'-DIPHOSPHATE 'C10 H15 N5 O10 P2'
CIT non-polymer 'CITRIC ACID' 'C6 H8 O7'
GOL non-polymer GLYCEROL 'C3 H8 O3'
#
# COMPACT_ATOMS: atom_id res chain seq x y z
N HIS A 2 7.85 -28.39 -2.96
CA HIS A 2 6.98 -27.73 -1.96
C HIS A 2 7.40 -26.28 -1.71
N MET A 3 6.41 -25.49 -1.33
CA MET A 3 6.60 -24.09 -1.01
C MET A 3 7.34 -23.98 0.30
N GLN A 4 8.32 -23.09 0.40
CA GLN A 4 9.12 -22.96 1.61
C GLN A 4 9.05 -21.50 2.10
N LEU A 5 8.96 -21.35 3.41
CA LEU A 5 9.06 -20.02 4.03
C LEU A 5 10.45 -19.81 4.67
N THR A 6 11.12 -18.72 4.32
CA THR A 6 12.40 -18.28 4.88
C THR A 6 12.26 -16.84 5.41
N GLU A 7 13.20 -16.39 6.21
CA GLU A 7 13.19 -15.03 6.68
C GLU A 7 14.53 -14.30 6.39
N LEU A 8 14.44 -12.99 6.32
CA LEU A 8 15.62 -12.11 6.18
C LEU A 8 15.38 -10.95 7.04
N SER A 9 16.47 -10.40 7.62
CA SER A 9 16.40 -9.22 8.41
C SER A 9 16.77 -8.01 7.52
N ILE A 10 15.77 -7.19 7.25
CA ILE A 10 15.93 -6.08 6.32
C ILE A 10 15.42 -4.82 6.98
N LYS A 11 16.23 -3.79 7.02
CA LYS A 11 15.82 -2.54 7.66
C LYS A 11 14.80 -1.78 6.80
N ASN A 12 13.77 -1.20 7.43
CA ASN A 12 12.91 -0.25 6.73
C ASN A 12 13.66 1.04 6.42
N GLN A 13 13.42 1.63 5.25
CA GLN A 13 14.11 2.86 4.88
C GLN A 13 13.60 4.07 5.70
N ASN A 14 12.43 3.92 6.31
CA ASN A 14 11.89 4.95 7.15
C ASN A 14 12.37 4.74 8.58
N VAL A 15 13.14 5.69 9.09
CA VAL A 15 13.84 5.49 10.36
C VAL A 15 12.85 5.45 11.51
N PHE A 16 11.72 6.17 11.40
CA PHE A 16 10.70 6.03 12.42
C PHE A 16 10.16 4.60 12.56
N VAL A 17 9.83 4.00 11.44
CA VAL A 17 9.25 2.68 11.41
C VAL A 17 10.31 1.68 11.94
N GLN A 18 11.55 1.85 11.51
CA GLN A 18 12.59 0.96 12.02
C GLN A 18 12.75 1.07 13.52
N HIS A 19 12.76 2.32 14.06
CA HIS A 19 12.79 2.49 15.48
C HIS A 19 11.63 1.92 16.23
N TYR A 20 10.42 1.99 15.64
CA TYR A 20 9.32 1.34 16.22
C TYR A 20 9.55 -0.18 16.30
N ILE A 21 9.97 -0.74 15.19
CA ILE A 21 10.19 -2.18 15.09
C ILE A 21 11.29 -2.62 16.06
N ASP A 22 12.23 -1.75 16.32
CA ASP A 22 13.32 -2.12 17.20
C ASP A 22 12.99 -1.95 18.67
N GLY A 23 11.87 -1.30 19.00
CA GLY A 23 11.45 -1.13 20.39
C GLY A 23 12.15 0.01 21.13
N LYS A 24 12.57 1.06 20.43
CA LYS A 24 13.21 2.24 21.08
C LYS A 24 12.34 2.74 22.22
N GLU A 25 12.98 3.17 23.30
CA GLU A 25 12.29 3.72 24.46
C GLU A 25 11.43 4.94 24.10
N GLU A 26 11.87 5.69 23.10
CA GLU A 26 11.19 6.96 22.79
C GLU A 26 9.83 6.70 22.14
N MET A 27 9.57 5.44 21.76
CA MET A 27 8.29 5.12 21.11
C MET A 27 7.07 5.24 22.00
N SER A 28 7.25 5.18 23.32
CA SER A 28 6.15 5.45 24.23
C SER A 28 5.60 6.90 24.18
N SER A 29 6.27 7.79 23.44
CA SER A 29 5.70 9.11 23.10
C SER A 29 4.81 9.09 21.87
N PHE A 30 4.75 7.93 21.21
CA PHE A 30 4.11 7.89 19.90
C PHE A 30 3.03 6.81 19.88
N PHE A 31 3.08 5.88 20.84
CA PHE A 31 2.19 4.67 20.90
C PHE A 31 1.80 4.40 22.32
N ASP A 32 0.68 3.71 22.53
CA ASP A 32 0.19 3.37 23.85
C ASP A 32 0.49 1.95 24.36
N TYR A 33 0.85 1.01 23.48
CA TYR A 33 1.13 -0.38 23.91
C TYR A 33 2.41 -0.82 23.29
N SER A 34 3.19 -1.58 24.06
CA SER A 34 4.46 -2.11 23.54
C SER A 34 4.30 -3.49 22.99
N ILE A 35 4.64 -3.67 21.74
CA ILE A 35 4.50 -5.00 21.15
C ILE A 35 5.70 -5.84 21.51
N HIS A 36 6.63 -5.26 22.25
CA HIS A 36 7.80 -6.02 22.68
C HIS A 36 7.68 -6.75 24.00
N HIS A 37 6.58 -6.63 24.73
CA HIS A 37 6.41 -7.54 25.89
C HIS A 37 5.20 -8.46 25.84
N LYS A 38 5.49 -9.76 26.02
CA LYS A 38 4.55 -10.89 25.86
C LYS A 38 3.24 -10.74 26.61
N ASP A 39 3.25 -9.99 27.71
CA ASP A 39 2.06 -9.89 28.54
C ASP A 39 1.19 -8.67 28.13
N MET A 40 1.60 -7.95 27.10
CA MET A 40 0.80 -6.80 26.67
C MET A 40 -0.59 -7.25 26.18
N TRP A 41 -0.68 -8.39 25.56
CA TRP A 41 -1.98 -8.78 24.96
C TRP A 41 -3.06 -9.00 26.02
N ARG A 42 -2.67 -9.63 27.14
CA ARG A 42 -3.61 -9.78 28.25
C ARG A 42 -3.99 -8.42 28.85
N GLU A 43 -3.02 -7.53 28.98
CA GLU A 43 -3.28 -6.18 29.44
C GLU A 43 -4.28 -5.46 28.52
N ARG A 44 -4.04 -5.58 27.22
CA ARG A 44 -4.98 -4.97 26.26
C ARG A 44 -6.43 -5.48 26.45
N LEU A 45 -6.63 -6.80 26.55
CA LEU A 45 -7.92 -7.40 26.86
C LEU A 45 -8.55 -6.86 28.14
N GLU A 46 -7.76 -6.72 29.21
CA GLU A 46 -8.29 -6.14 30.42
C GLU A 46 -8.71 -4.67 30.24
N ASP A 47 -7.96 -3.90 29.44
CA ASP A 47 -8.35 -2.53 29.15
C ASP A 47 -9.67 -2.51 28.37
N LEU A 48 -9.82 -3.44 27.43
CA LEU A 48 -11.05 -3.50 26.63
C LEU A 48 -12.27 -3.90 27.47
N SER A 49 -12.07 -4.70 28.50
CA SER A 49 -13.20 -5.09 29.37
C SER A 49 -13.86 -3.90 30.11
N SER A 50 -13.22 -2.74 30.15
CA SER A 50 -13.82 -1.59 30.77
C SER A 50 -14.55 -0.70 29.78
N ARG A 51 -14.47 -1.02 28.48
CA ARG A 51 -15.09 -0.21 27.43
C ARG A 51 -16.49 -0.78 27.14
N PHE A 52 -17.37 0.08 26.64
CA PHE A 52 -18.71 -0.31 26.21
C PHE A 52 -18.75 -0.33 24.67
N PHE A 53 -19.26 -1.41 24.08
CA PHE A 53 -19.43 -1.49 22.64
C PHE A 53 -20.87 -1.90 22.41
N ALA A 54 -21.44 -1.52 21.29
CA ALA A 54 -22.79 -2.02 21.00
C ALA A 54 -22.63 -3.26 20.14
N ARG A 55 -22.22 -4.33 20.80
N ARG A 55 -22.13 -4.31 20.78
CA ARG A 55 -21.84 -5.58 20.15
CA ARG A 55 -21.85 -5.58 20.14
C ARG A 55 -23.02 -6.28 19.44
C ARG A 55 -23.04 -6.17 19.38
N GLU A 56 -24.21 -6.23 20.01
CA GLU A 56 -25.35 -6.89 19.38
C GLU A 56 -25.74 -6.16 18.08
N GLU A 57 -25.74 -4.84 18.17
CA GLU A 57 -26.05 -3.96 17.02
C GLU A 57 -25.04 -4.10 15.90
N LEU A 58 -23.76 -4.11 16.26
CA LEU A 58 -22.71 -4.30 15.26
C LEU A 58 -22.85 -5.67 14.64
N ALA A 59 -23.09 -6.70 15.46
CA ALA A 59 -23.15 -8.04 14.92
C ALA A 59 -24.39 -8.20 14.01
N ALA A 60 -25.48 -7.52 14.34
CA ALA A 60 -26.70 -7.69 13.51
C ALA A 60 -26.45 -7.00 12.16
N TYR A 61 -25.83 -5.83 12.19
CA TYR A 61 -25.48 -5.09 10.95
C TYR A 61 -24.59 -5.93 10.09
N LEU A 62 -23.52 -6.44 10.69
CA LEU A 62 -22.57 -7.22 9.95
C LEU A 62 -23.19 -8.50 9.36
N THR A 63 -23.99 -9.21 10.18
CA THR A 63 -24.73 -10.37 9.72
C THR A 63 -25.57 -10.07 8.45
N SER A 64 -26.26 -8.95 8.50
CA SER A 64 -27.13 -8.52 7.41
C SER A 64 -26.27 -8.18 6.14
N TYR A 65 -25.21 -7.42 6.36
CA TYR A 65 -24.26 -7.06 5.30
C TYR A 65 -23.67 -8.30 4.61
N HIS A 66 -23.31 -9.30 5.40
CA HIS A 66 -22.61 -10.44 4.91
C HIS A 66 -23.52 -11.50 4.32
N ASN A 67 -24.84 -11.28 4.38
CA ASN A 67 -25.73 -12.25 3.72
C ASN A 67 -25.52 -12.33 2.24
N LYS A 68 -25.00 -11.27 1.65
CA LYS A 68 -24.67 -11.37 0.25
C LYS A 68 -23.58 -12.35 -0.08
N PHE A 69 -22.76 -12.78 0.88
CA PHE A 69 -21.64 -13.63 0.54
C PHE A 69 -21.98 -15.11 0.68
N GLY A 70 -23.03 -15.42 1.42
CA GLY A 70 -23.41 -16.83 1.61
C GLY A 70 -22.35 -17.67 2.26
N SER A 71 -21.69 -17.15 3.30
CA SER A 71 -20.59 -17.85 3.94
C SER A 71 -20.91 -18.16 5.37
N SER A 72 -20.99 -19.46 5.70
CA SER A 72 -21.29 -19.83 7.07
C SER A 72 -20.07 -19.49 7.94
N ALA A 73 -18.85 -19.51 7.37
CA ALA A 73 -17.67 -19.21 8.15
C ALA A 73 -17.60 -17.77 8.55
N MET A 74 -17.93 -16.88 7.62
CA MET A 74 -18.04 -15.44 7.97
C MET A 74 -19.11 -15.21 9.02
N GLN A 75 -20.27 -15.83 8.86
CA GLN A 75 -21.35 -15.63 9.82
C GLN A 75 -20.99 -16.14 11.23
N SER A 76 -20.26 -17.26 11.31
N SER A 76 -20.28 -17.27 11.32
CA SER A 76 -19.85 -17.83 12.58
CA SER A 76 -19.88 -17.78 12.60
C SER A 76 -18.83 -16.96 13.32
C SER A 76 -18.95 -16.81 13.31
N ALA A 77 -17.99 -16.26 12.55
CA ALA A 77 -17.09 -15.26 13.06
C ALA A 77 -17.81 -14.05 13.62
N ILE A 78 -18.81 -13.58 12.88
CA ILE A 78 -19.54 -12.41 13.31
C ILE A 78 -20.29 -12.69 14.61
N GLU A 79 -20.79 -13.94 14.75
CA GLU A 79 -21.51 -14.36 15.94
C GLU A 79 -20.60 -14.21 17.18
N LYS A 80 -19.30 -14.45 17.03
CA LYS A 80 -18.37 -14.31 18.15
C LYS A 80 -18.31 -12.90 18.73
N LEU A 81 -18.60 -11.87 17.92
CA LEU A 81 -18.62 -10.49 18.41
C LEU A 81 -19.63 -10.19 19.51
N LYS A 82 -20.68 -11.01 19.64
CA LYS A 82 -21.66 -10.86 20.68
C LYS A 82 -21.12 -11.29 22.06
N ASP A 83 -20.07 -12.11 22.07
CA ASP A 83 -19.43 -12.54 23.34
C ASP A 83 -18.66 -11.35 23.89
N PRO A 84 -19.04 -10.85 25.06
CA PRO A 84 -18.42 -9.68 25.67
C PRO A 84 -16.94 -9.85 26.01
N SER A 85 -16.41 -11.07 25.92
CA SER A 85 -14.99 -11.29 26.07
C SER A 85 -14.19 -11.24 24.74
N SER A 86 -14.89 -11.22 23.60
CA SER A 86 -14.22 -11.26 22.30
C SER A 86 -13.52 -9.96 21.99
N ALA A 87 -12.61 -10.04 21.03
CA ALA A 87 -11.96 -8.84 20.49
C ALA A 87 -11.59 -9.15 19.07
N ALA A 88 -11.08 -8.15 18.34
CA ALA A 88 -10.75 -8.32 16.93
C ALA A 88 -9.35 -7.88 16.61
N VAL A 89 -8.74 -8.48 15.59
CA VAL A 89 -7.56 -7.93 14.92
C VAL A 89 -8.11 -7.26 13.64
N VAL A 90 -7.77 -5.97 13.48
CA VAL A 90 -8.28 -5.17 12.39
C VAL A 90 -7.14 -4.61 11.60
N GLY A 91 -7.28 -4.63 10.30
CA GLY A 91 -6.43 -3.86 9.40
C GLY A 91 -7.24 -3.51 8.17
N GLY A 92 -6.75 -2.59 7.34
CA GLY A 92 -7.58 -2.08 6.23
C GLY A 92 -6.78 -1.63 5.01
N GLN A 93 -7.50 -1.42 3.90
CA GLN A 93 -6.87 -0.95 2.66
C GLN A 93 -7.99 -0.36 1.82
N GLN A 94 -7.55 0.37 0.80
CA GLN A 94 -8.46 0.83 -0.24
C GLN A 94 -8.95 -0.32 -1.07
N ALA A 95 -10.06 -0.13 -1.81
CA ALA A 95 -10.65 -1.24 -2.56
C ALA A 95 -10.09 -1.39 -3.95
N GLY A 96 -8.78 -1.68 -4.07
CA GLY A 96 -8.14 -1.80 -5.34
C GLY A 96 -8.78 -2.77 -6.27
N LEU A 97 -8.84 -2.41 -7.57
CA LEU A 97 -9.30 -3.31 -8.54
C LEU A 97 -8.44 -4.59 -8.55
N LEU A 98 -9.12 -5.71 -8.60
CA LEU A 98 -8.52 -7.06 -8.62
C LEU A 98 -7.80 -7.40 -7.29
N THR A 99 -8.20 -6.67 -6.27
CA THR A 99 -7.63 -6.64 -4.90
C THR A 99 -6.39 -5.80 -4.73
N GLY A 100 -5.96 -5.08 -5.76
CA GLY A 100 -4.96 -4.05 -5.54
C GLY A 100 -3.57 -4.67 -5.35
N PRO A 101 -2.71 -3.91 -4.75
CA PRO A 101 -1.35 -4.43 -4.60
C PRO A 101 -1.30 -5.62 -3.68
N LEU A 102 -0.31 -6.46 -3.88
CA LEU A 102 -0.14 -7.62 -3.02
C LEU A 102 -0.15 -7.39 -1.55
N TYR A 103 0.36 -6.26 -1.11
CA TYR A 103 0.27 -5.99 0.32
C TYR A 103 -1.13 -6.03 0.88
N THR A 104 -2.16 -5.94 0.02
CA THR A 104 -3.51 -6.10 0.52
C THR A 104 -3.70 -7.55 0.97
N ILE A 105 -3.27 -8.50 0.16
CA ILE A 105 -3.31 -9.94 0.50
C ILE A 105 -2.48 -10.22 1.75
N HIS A 106 -1.29 -9.66 1.77
CA HIS A 106 -0.35 -9.87 2.94
C HIS A 106 -0.89 -9.33 4.22
N LYS A 107 -1.58 -8.21 4.13
CA LYS A 107 -2.25 -7.64 5.28
C LYS A 107 -3.35 -8.51 5.78
N ILE A 108 -4.15 -9.04 4.87
CA ILE A 108 -5.25 -9.92 5.30
C ILE A 108 -4.72 -11.18 5.93
N ILE A 109 -3.68 -11.76 5.33
CA ILE A 109 -2.99 -12.88 5.97
C ILE A 109 -2.51 -12.56 7.36
N SER A 110 -1.91 -11.38 7.51
CA SER A 110 -1.42 -10.90 8.82
C SER A 110 -2.58 -10.90 9.84
N ILE A 111 -3.71 -10.29 9.46
CA ILE A 111 -4.88 -10.22 10.34
C ILE A 111 -5.32 -11.62 10.80
N ILE A 112 -5.52 -12.51 9.82
CA ILE A 112 -6.03 -13.85 10.09
C ILE A 112 -5.04 -14.66 10.98
N VAL A 113 -3.76 -14.56 10.69
CA VAL A 113 -2.73 -15.28 11.47
C VAL A 113 -2.63 -14.79 12.89
N LEU A 114 -2.53 -13.47 13.09
CA LEU A 114 -2.53 -12.90 14.42
C LEU A 114 -3.80 -13.26 15.19
N ALA A 115 -4.98 -13.14 14.57
CA ALA A 115 -6.25 -13.44 15.26
C ALA A 115 -6.31 -14.91 15.74
N LYS A 116 -5.88 -15.83 14.89
CA LYS A 116 -5.84 -17.26 15.25
C LYS A 116 -4.86 -17.53 16.43
N GLN A 117 -3.67 -16.94 16.35
CA GLN A 117 -2.62 -17.12 17.37
C GLN A 117 -3.08 -16.57 18.71
N GLN A 118 -3.65 -15.36 18.72
CA GLN A 118 -4.19 -14.82 19.95
C GLN A 118 -5.42 -15.51 20.50
N GLU A 119 -6.33 -15.99 19.63
CA GLU A 119 -7.45 -16.77 20.11
C GLU A 119 -6.97 -18.00 20.92
N LYS A 120 -5.96 -18.67 20.38
CA LYS A 120 -5.32 -19.84 21.03
C LYS A 120 -4.62 -19.48 22.36
N GLU A 121 -3.83 -18.43 22.37
CA GLU A 121 -3.08 -18.00 23.56
C GLU A 121 -3.99 -17.37 24.62
N LEU A 122 -4.95 -16.55 24.22
CA LEU A 122 -5.75 -15.85 25.21
C LEU A 122 -6.98 -16.59 25.67
N GLN A 123 -7.44 -17.56 24.88
CA GLN A 123 -8.68 -18.32 25.11
C GLN A 123 -9.91 -17.48 25.26
N VAL A 124 -10.02 -16.52 24.35
CA VAL A 124 -11.27 -15.85 24.09
C VAL A 124 -11.37 -15.76 22.56
N PRO A 125 -12.58 -15.50 22.08
CA PRO A 125 -12.74 -15.45 20.62
C PRO A 125 -12.02 -14.21 20.08
N VAL A 126 -11.20 -14.39 19.05
CA VAL A 126 -10.55 -13.25 18.43
C VAL A 126 -10.89 -13.28 16.91
N ILE A 127 -11.60 -12.24 16.44
CA ILE A 127 -12.16 -12.17 15.12
C ILE A 127 -11.22 -11.35 14.17
N PRO A 128 -10.98 -11.87 12.98
CA PRO A 128 -10.23 -11.15 11.95
C PRO A 128 -11.17 -10.27 11.14
N ILE A 129 -10.94 -8.95 11.20
CA ILE A 129 -11.73 -7.99 10.50
C ILE A 129 -10.87 -7.20 9.52
N PHE A 130 -11.33 -7.15 8.28
CA PHE A 130 -10.66 -6.31 7.26
C PHE A 130 -11.56 -5.09 7.01
N TRP A 131 -10.98 -3.89 7.18
CA TRP A 131 -11.64 -2.62 7.07
C TRP A 131 -11.48 -2.15 5.64
N VAL A 132 -12.55 -2.25 4.85
CA VAL A 132 -12.54 -1.84 3.42
C VAL A 132 -12.74 -0.33 3.44
N ALA A 133 -11.81 0.44 2.87
CA ALA A 133 -11.85 1.90 2.98
C ALA A 133 -12.79 2.47 1.89
N GLY A 134 -14.05 2.09 2.00
CA GLY A 134 -15.05 2.42 1.03
C GLY A 134 -15.49 3.86 1.08
N GLU A 135 -15.21 4.58 2.16
CA GLU A 135 -15.57 6.00 2.28
C GLU A 135 -14.66 6.89 1.42
N ASP A 136 -13.50 6.37 1.08
CA ASP A 136 -12.46 7.16 0.41
C ASP A 136 -12.83 7.47 -1.01
N HIS A 137 -12.52 8.69 -1.44
CA HIS A 137 -12.94 9.14 -2.78
C HIS A 137 -11.74 9.24 -3.75
N ASP A 138 -10.56 8.76 -3.34
CA ASP A 138 -9.37 8.75 -4.23
C ASP A 138 -9.41 7.55 -5.19
N LEU A 139 -10.25 7.64 -6.22
CA LEU A 139 -10.40 6.49 -7.15
C LEU A 139 -9.13 6.25 -8.00
N ASP A 140 -8.29 7.27 -8.15
CA ASP A 140 -7.01 7.13 -8.88
C ASP A 140 -6.04 6.22 -8.16
N GLU A 141 -6.31 5.93 -6.89
CA GLU A 141 -5.47 5.01 -6.15
C GLU A 141 -5.89 3.53 -6.37
N ILE A 142 -7.08 3.30 -6.90
CA ILE A 142 -7.66 1.98 -6.97
C ILE A 142 -8.07 1.52 -8.35
N ASN A 143 -7.98 2.40 -9.35
CA ASN A 143 -8.57 2.14 -10.65
C ASN A 143 -7.57 1.61 -11.66
N PHE A 144 -6.55 0.88 -11.19
CA PHE A 144 -5.56 0.32 -12.12
C PHE A 144 -4.88 -0.83 -11.43
N VAL A 145 -4.19 -1.64 -12.24
CA VAL A 145 -3.12 -2.51 -11.72
C VAL A 145 -1.89 -2.30 -12.60
N HIS A 146 -0.72 -2.63 -12.07
CA HIS A 146 0.47 -2.68 -12.91
C HIS A 146 0.49 -3.90 -13.81
N THR A 147 0.95 -3.71 -15.04
CA THR A 147 1.14 -4.78 -15.98
C THR A 147 2.61 -4.75 -16.46
N SER A 148 3.14 -5.89 -16.85
CA SER A 148 4.55 -5.96 -17.20
C SER A 148 4.67 -5.80 -18.70
N GLU A 149 5.30 -4.72 -19.11
CA GLU A 149 5.56 -4.43 -20.56
C GLU A 149 7.07 -4.38 -20.88
N GLU A 150 7.44 -3.96 -22.09
CA GLU A 150 8.84 -4.10 -22.56
C GLU A 150 9.88 -3.31 -21.77
N ASN A 151 9.50 -2.15 -21.27
CA ASN A 151 10.38 -1.35 -20.43
C ASN A 151 10.07 -1.48 -18.96
N GLY A 152 9.23 -2.44 -18.58
CA GLY A 152 8.99 -2.67 -17.17
C GLY A 152 7.57 -2.37 -16.78
N PRO A 153 7.32 -2.24 -15.46
CA PRO A 153 5.93 -2.13 -15.00
C PRO A 153 5.26 -0.80 -15.42
N VAL A 154 4.02 -0.89 -15.92
CA VAL A 154 3.22 0.24 -16.40
C VAL A 154 1.80 0.13 -15.78
N LYS A 155 1.23 1.24 -15.35
CA LYS A 155 -0.15 1.27 -14.83
C LYS A 155 -1.12 1.08 -15.94
N LYS A 156 -1.99 0.09 -15.82
CA LYS A 156 -3.08 -0.05 -16.74
C LYS A 156 -4.38 0.38 -16.08
N LYS A 157 -4.84 1.56 -16.49
CA LYS A 157 -5.99 2.20 -15.88
C LYS A 157 -7.30 1.76 -16.49
N LEU A 158 -8.34 1.64 -15.64
CA LEU A 158 -9.67 1.32 -16.08
C LEU A 158 -10.24 2.50 -16.88
N PRO A 159 -10.64 2.28 -18.16
CA PRO A 159 -11.03 3.48 -18.94
C PRO A 159 -12.45 3.95 -18.66
N GLN A 160 -12.59 4.76 -17.61
CA GLN A 160 -13.88 5.26 -17.15
C GLN A 160 -13.48 6.55 -16.41
N SER A 161 -14.22 7.65 -16.62
CA SER A 161 -13.94 8.93 -15.92
C SER A 161 -15.03 9.13 -14.92
N TYR A 162 -14.75 9.91 -13.90
CA TYR A 162 -15.75 10.23 -12.91
C TYR A 162 -15.96 11.74 -12.92
N TRP A 163 -17.19 12.18 -13.16
CA TRP A 163 -17.56 13.59 -12.95
C TRP A 163 -17.60 13.86 -11.44
N LYS A 164 -18.36 13.02 -10.71
CA LYS A 164 -18.56 13.22 -9.28
C LYS A 164 -17.35 12.67 -8.49
N LYS A 165 -16.86 13.48 -7.55
CA LYS A 165 -15.89 13.04 -6.54
C LYS A 165 -16.58 12.14 -5.47
N SER A 166 -17.05 10.96 -5.90
CA SER A 166 -17.87 10.04 -5.07
C SER A 166 -16.96 8.99 -4.38
N SER A 167 -17.43 8.46 -3.25
CA SER A 167 -16.68 7.40 -2.53
C SER A 167 -16.57 6.12 -3.35
N ALA A 168 -15.55 5.31 -3.07
CA ALA A 168 -15.44 4.01 -3.74
C ALA A 168 -16.70 3.16 -3.55
N ALA A 169 -17.33 3.25 -2.38
CA ALA A 169 -18.43 2.43 -2.08
C ALA A 169 -19.65 2.94 -2.83
N SER A 170 -19.62 4.15 -3.33
CA SER A 170 -20.78 4.60 -4.09
C SER A 170 -20.47 4.91 -5.57
N THR A 171 -19.32 4.48 -6.03
CA THR A 171 -19.00 4.66 -7.46
C THR A 171 -19.27 3.40 -8.27
N SER A 172 -20.15 3.48 -9.29
CA SER A 172 -20.42 2.30 -10.13
C SER A 172 -19.36 2.04 -11.12
N LEU A 173 -19.10 0.77 -11.29
CA LEU A 173 -18.25 0.28 -12.35
C LEU A 173 -19.03 0.16 -13.68
N ASP A 174 -18.41 0.64 -14.77
CA ASP A 174 -18.93 0.39 -16.07
C ASP A 174 -18.64 -1.06 -16.42
N GLN A 175 -19.67 -1.92 -16.42
CA GLN A 175 -19.55 -3.36 -16.59
C GLN A 175 -18.79 -3.81 -17.83
N GLU A 176 -19.13 -3.21 -18.96
CA GLU A 176 -18.50 -3.53 -20.22
C GLU A 176 -17.02 -3.05 -20.27
N LYS A 177 -16.77 -1.82 -19.86
CA LYS A 177 -15.38 -1.28 -19.85
C LYS A 177 -14.49 -2.13 -18.84
N CYS A 178 -15.07 -2.49 -17.72
CA CYS A 178 -14.28 -3.21 -16.67
C CYS A 178 -14.02 -4.64 -17.11
N ALA A 179 -14.98 -5.32 -17.74
CA ALA A 179 -14.73 -6.64 -18.30
C ALA A 179 -13.63 -6.60 -19.37
N ALA A 180 -13.65 -5.58 -20.22
CA ALA A 180 -12.61 -5.42 -21.27
C ALA A 180 -11.26 -5.19 -20.66
N TRP A 181 -11.23 -4.35 -19.63
CA TRP A 181 -10.00 -4.10 -18.92
C TRP A 181 -9.41 -5.36 -18.28
N ILE A 182 -10.26 -6.19 -17.65
CA ILE A 182 -9.83 -7.44 -17.07
C ILE A 182 -9.20 -8.31 -18.16
N ASP A 183 -9.88 -8.40 -19.31
CA ASP A 183 -9.30 -9.15 -20.41
C ASP A 183 -7.93 -8.63 -20.82
N ASP A 184 -7.77 -7.32 -20.84
CA ASP A 184 -6.50 -6.69 -21.20
C ASP A 184 -5.41 -6.98 -20.17
N VAL A 185 -5.77 -6.96 -18.89
CA VAL A 185 -4.79 -7.34 -17.84
C VAL A 185 -4.37 -8.81 -18.04
N PHE A 186 -5.33 -9.70 -18.22
CA PHE A 186 -5.02 -11.10 -18.35
C PHE A 186 -4.27 -11.42 -19.64
N ALA A 187 -4.49 -10.62 -20.69
CA ALA A 187 -3.87 -10.87 -21.99
C ALA A 187 -2.37 -10.72 -21.90
N ALA A 188 -1.88 -10.01 -20.91
CA ALA A 188 -0.46 -9.88 -20.68
C ALA A 188 0.18 -11.10 -20.02
N PHE A 189 -0.63 -11.94 -19.39
CA PHE A 189 -0.14 -13.15 -18.81
C PHE A 189 0.06 -14.21 -19.85
N GLU A 190 0.88 -15.19 -19.48
CA GLU A 190 0.97 -16.44 -20.21
C GLU A 190 -0.23 -17.25 -19.88
N GLU A 191 -0.90 -17.77 -20.89
CA GLU A 191 -2.03 -18.66 -20.66
C GLU A 191 -1.60 -19.95 -20.02
N THR A 192 -2.36 -20.41 -19.04
CA THR A 192 -2.08 -21.65 -18.33
C THR A 192 -3.35 -22.49 -18.22
N ASP A 193 -3.24 -23.65 -17.57
CA ASP A 193 -4.44 -24.45 -17.29
C ASP A 193 -5.36 -23.78 -16.28
N HIS A 194 -4.89 -22.72 -15.63
CA HIS A 194 -5.66 -22.08 -14.57
C HIS A 194 -6.42 -20.87 -15.07
N THR A 195 -6.04 -20.38 -16.23
CA THR A 195 -6.46 -19.09 -16.71
C THR A 195 -7.99 -19.00 -16.83
N ASN A 196 -8.58 -19.95 -17.53
CA ASN A 196 -10.01 -19.78 -17.90
C ASN A 196 -10.89 -19.81 -16.72
N THR A 197 -10.63 -20.72 -15.79
CA THR A 197 -11.41 -20.81 -14.57
C THR A 197 -11.23 -19.52 -13.74
N LEU A 198 -9.98 -19.04 -13.64
CA LEU A 198 -9.75 -17.82 -12.88
C LEU A 198 -10.47 -16.63 -13.51
N LEU A 199 -10.28 -16.44 -14.80
CA LEU A 199 -10.93 -15.34 -15.51
C LEU A 199 -12.46 -15.39 -15.39
N ASP A 200 -13.04 -16.59 -15.50
CA ASP A 200 -14.49 -16.76 -15.27
C ASP A 200 -14.90 -16.34 -13.86
N ASN A 201 -14.15 -16.77 -12.84
CA ASN A 201 -14.44 -16.41 -11.45
C ASN A 201 -14.38 -14.90 -11.22
N VAL A 202 -13.39 -14.23 -11.81
CA VAL A 202 -13.20 -12.78 -11.61
C VAL A 202 -14.35 -12.05 -12.29
N LYS A 203 -14.71 -12.53 -13.47
CA LYS A 203 -15.80 -11.86 -14.26
C LYS A 203 -17.15 -12.12 -13.56
N ARG A 204 -17.32 -13.29 -12.99
CA ARG A 204 -18.50 -13.59 -12.19
C ARG A 204 -18.62 -12.60 -11.05
N CYS A 205 -17.51 -12.35 -10.36
CA CYS A 205 -17.53 -11.38 -9.29
C CYS A 205 -17.90 -9.97 -9.76
N LEU A 206 -17.38 -9.54 -10.92
CA LEU A 206 -17.73 -8.29 -11.49
C LEU A 206 -19.23 -8.20 -11.75
N ARG A 207 -19.81 -9.21 -12.39
CA ARG A 207 -21.23 -9.07 -12.78
C ARG A 207 -22.17 -9.15 -11.59
N GLU A 208 -21.66 -9.59 -10.44
CA GLU A 208 -22.39 -9.56 -9.18
C GLU A 208 -22.17 -8.29 -8.35
N SER A 209 -21.42 -7.35 -8.91
CA SER A 209 -21.06 -6.08 -8.27
C SER A 209 -21.72 -4.92 -8.94
N VAL A 210 -21.95 -3.85 -8.20
CA VAL A 210 -22.21 -2.57 -8.73
C VAL A 210 -21.02 -1.64 -8.60
N THR A 211 -20.44 -1.61 -7.43
CA THR A 211 -19.45 -0.58 -7.11
C THR A 211 -18.01 -1.17 -7.03
N PHE A 212 -17.05 -0.26 -6.89
CA PHE A 212 -15.61 -0.68 -6.66
C PHE A 212 -15.50 -1.57 -5.40
N THR A 213 -16.14 -1.17 -4.33
CA THR A 213 -16.11 -1.96 -3.08
C THR A 213 -16.82 -3.27 -3.21
N ASP A 214 -17.93 -3.34 -3.97
CA ASP A 214 -18.60 -4.59 -4.15
C ASP A 214 -17.71 -5.66 -4.77
N PHE A 215 -17.05 -5.31 -5.85
CA PHE A 215 -16.15 -6.14 -6.59
C PHE A 215 -14.94 -6.60 -5.78
N PHE A 216 -14.37 -5.68 -5.02
CA PHE A 216 -13.24 -5.97 -4.16
C PHE A 216 -13.66 -7.01 -3.09
N GLU A 217 -14.78 -6.74 -2.45
CA GLU A 217 -15.29 -7.64 -1.41
C GLU A 217 -15.55 -9.02 -1.95
N LEU A 218 -16.16 -9.10 -3.13
CA LEU A 218 -16.46 -10.40 -3.67
C LEU A 218 -15.20 -11.22 -3.97
N LEU A 219 -14.17 -10.57 -4.50
CA LEU A 219 -12.91 -11.26 -4.75
C LEU A 219 -12.29 -11.73 -3.44
N ILE A 220 -12.29 -10.84 -2.46
CA ILE A 220 -11.70 -11.13 -1.14
C ILE A 220 -12.46 -12.28 -0.42
N ALA A 221 -13.80 -12.26 -0.53
CA ALA A 221 -14.60 -13.35 0.01
C ALA A 221 -14.26 -14.65 -0.68
N ASP A 222 -14.12 -14.65 -2.01
CA ASP A 222 -13.75 -15.89 -2.71
C ASP A 222 -12.41 -16.42 -2.17
N LEU A 223 -11.48 -15.51 -2.00
CA LEU A 223 -10.13 -15.87 -1.52
C LEU A 223 -10.05 -16.30 -0.04
N PHE A 224 -10.84 -15.72 0.84
CA PHE A 224 -10.69 -15.81 2.31
C PHE A 224 -11.96 -16.19 3.13
N GLN A 225 -13.13 -16.29 2.51
CA GLN A 225 -14.31 -16.49 3.34
C GLN A 225 -14.12 -17.77 4.24
N GLU A 226 -13.44 -18.79 3.71
CA GLU A 226 -13.16 -20.01 4.46
C GLU A 226 -12.56 -19.77 5.83
N GLU A 227 -11.76 -18.72 5.96
CA GLU A 227 -11.07 -18.41 7.20
C GLU A 227 -11.94 -17.57 8.08
N GLY A 228 -13.14 -17.25 7.62
CA GLY A 228 -14.05 -16.47 8.44
C GLY A 228 -13.65 -15.01 8.58
N LEU A 229 -13.10 -14.44 7.52
CA LEU A 229 -12.76 -13.03 7.52
C LEU A 229 -14.02 -12.18 7.48
N VAL A 230 -14.10 -11.20 8.36
CA VAL A 230 -15.22 -10.26 8.40
C VAL A 230 -14.85 -8.98 7.69
N LEU A 231 -15.72 -8.51 6.80
CA LEU A 231 -15.48 -7.27 6.03
C LEU A 231 -16.27 -6.12 6.56
N LEU A 232 -15.62 -5.00 6.87
CA LEU A 232 -16.35 -3.85 7.35
C LEU A 232 -16.08 -2.77 6.29
N ASN A 233 -17.13 -2.24 5.67
CA ASN A 233 -16.96 -1.28 4.57
C ASN A 233 -17.32 0.07 5.13
N SER A 234 -16.33 0.94 5.28
CA SER A 234 -16.53 2.22 5.95
C SER A 234 -17.49 3.15 5.19
N GLY A 235 -17.68 2.88 3.90
CA GLY A 235 -18.49 3.67 3.03
C GLY A 235 -19.88 3.12 2.81
N ASP A 236 -20.22 2.05 3.53
CA ASP A 236 -21.61 1.53 3.49
C ASP A 236 -22.54 2.40 4.32
N PRO A 237 -23.62 2.91 3.68
CA PRO A 237 -24.53 3.79 4.42
C PRO A 237 -25.02 3.12 5.69
N GLY A 238 -25.21 1.81 5.60
CA GLY A 238 -25.66 1.03 6.74
C GLY A 238 -24.87 1.09 8.02
N ILE A 239 -23.56 1.32 7.94
CA ILE A 239 -22.73 1.38 9.14
C ILE A 239 -22.81 2.73 9.80
N LYS A 240 -23.30 3.71 9.06
CA LYS A 240 -23.19 5.12 9.51
C LYS A 240 -24.01 5.37 10.75
N LYS A 241 -25.19 4.79 10.84
CA LYS A 241 -26.04 4.98 12.03
C LYS A 241 -25.29 4.60 13.32
N LEU A 242 -24.53 3.52 13.26
CA LEU A 242 -23.79 3.07 14.44
C LEU A 242 -22.70 4.03 14.87
N GLU A 243 -22.25 4.85 13.93
CA GLU A 243 -21.14 5.81 14.11
C GLU A 243 -21.61 7.17 14.63
N THR A 244 -22.90 7.42 14.67
CA THR A 244 -23.47 8.73 15.06
C THR A 244 -22.77 9.37 16.24
N ALA A 245 -22.72 8.65 17.37
CA ALA A 245 -22.27 9.29 18.57
C ALA A 245 -20.80 9.62 18.51
N MET A 246 -20.03 8.91 17.69
CA MET A 246 -18.59 9.20 17.55
C MET A 246 -18.33 10.37 16.56
N PHE A 247 -19.18 10.50 15.56
CA PHE A 247 -19.18 11.74 14.76
C PHE A 247 -19.47 12.91 15.68
N GLN A 248 -20.36 12.70 16.60
CA GLN A 248 -20.74 13.78 17.50
C GLN A 248 -19.68 14.09 18.54
N LYS A 249 -18.94 13.07 18.95
CA LYS A 249 -17.80 13.25 19.82
C LYS A 249 -16.67 13.99 19.14
N ILE A 250 -16.37 13.62 17.90
CA ILE A 250 -15.38 14.32 17.05
C ILE A 250 -15.73 15.82 16.94
N LEU A 251 -17.02 16.09 16.79
CA LEU A 251 -17.53 17.46 16.74
C LEU A 251 -17.28 18.21 18.06
N ARG A 252 -17.60 17.56 19.18
CA ARG A 252 -17.60 18.23 20.46
C ARG A 252 -16.17 18.51 20.85
N GLU A 253 -15.24 17.61 20.50
CA GLU A 253 -13.84 17.77 20.89
C GLU A 253 -12.99 18.27 19.71
N ASN A 254 -13.64 18.92 18.77
CA ASN A 254 -12.98 19.23 17.51
C ASN A 254 -11.71 20.13 17.61
N ASP A 255 -11.81 21.20 18.39
CA ASP A 255 -10.67 22.10 18.58
C ASP A 255 -9.52 21.36 19.26
N GLU A 256 -9.86 20.56 20.25
CA GLU A 256 -8.85 19.76 20.98
C GLU A 256 -8.18 18.78 20.03
N LEU A 257 -8.96 18.16 19.16
CA LEU A 257 -8.40 17.27 18.13
C LEU A 257 -7.37 17.95 17.21
N ALA A 258 -7.72 19.09 16.63
CA ALA A 258 -6.82 19.75 15.71
C ALA A 258 -5.53 20.12 16.47
N ARG A 259 -5.67 20.56 17.71
CA ARG A 259 -4.49 20.88 18.55
C ARG A 259 -3.63 19.63 18.78
N ALA A 260 -4.29 18.51 19.06
CA ALA A 260 -3.60 17.23 19.31
C ALA A 260 -2.79 16.78 18.11
N VAL A 261 -3.32 17.00 16.91
CA VAL A 261 -2.63 16.63 15.67
C VAL A 261 -1.44 17.59 15.47
N SER A 262 -1.68 18.90 15.57
CA SER A 262 -0.60 19.87 15.31
C SER A 262 0.50 19.70 16.34
N ASP A 263 0.17 19.48 17.60
CA ASP A 263 1.23 19.34 18.61
C ASP A 263 2.03 18.06 18.43
N GLN A 264 1.35 16.98 18.10
CA GLN A 264 2.08 15.72 17.92
C GLN A 264 2.98 15.76 16.73
N GLN A 265 2.52 16.39 15.66
CA GLN A 265 3.29 16.55 14.45
C GLN A 265 4.56 17.37 14.71
N ALA A 266 4.42 18.50 15.41
CA ALA A 266 5.61 19.29 15.84
C ALA A 266 6.59 18.43 16.63
N PHE A 267 6.10 17.76 17.68
CA PHE A 267 6.93 16.84 18.47
C PHE A 267 7.65 15.79 17.62
N MET A 268 6.88 15.09 16.76
CA MET A 268 7.50 14.17 15.84
C MET A 268 8.66 14.81 15.00
N ARG A 269 8.42 16.01 14.44
CA ARG A 269 9.44 16.77 13.66
C ARG A 269 10.62 17.04 14.56
N GLN A 270 10.33 17.39 15.81
CA GLN A 270 11.40 17.71 16.77
C GLN A 270 12.22 16.54 17.21
N ALA A 271 11.67 15.34 17.08
CA ALA A 271 12.33 14.15 17.57
C ALA A 271 13.20 13.65 16.44
N GLY A 272 13.11 14.29 15.28
CA GLY A 272 13.92 13.87 14.15
C GLY A 272 13.21 13.14 13.03
N TYR A 273 11.87 13.04 13.11
CA TYR A 273 11.08 12.26 12.17
C TYR A 273 10.18 13.13 11.25
N LYS A 274 9.53 12.51 10.26
CA LYS A 274 8.80 13.23 9.21
C LYS A 274 7.30 12.87 9.25
N PRO A 275 6.49 13.74 9.88
CA PRO A 275 5.01 13.63 9.78
C PRO A 275 4.52 13.76 8.33
N ILE A 276 3.43 13.06 7.99
CA ILE A 276 2.98 12.97 6.63
C ILE A 276 1.52 13.42 6.45
N ILE A 277 0.77 13.47 7.54
CA ILE A 277 -0.59 13.96 7.47
C ILE A 277 -0.62 15.45 7.18
N GLU A 278 -1.34 15.81 6.12
CA GLU A 278 -1.54 17.22 5.76
C GLU A 278 -2.92 17.66 6.26
N SER A 279 -3.04 18.09 7.51
CA SER A 279 -4.37 18.54 8.01
C SER A 279 -4.27 19.68 9.04
N GLY A 280 -4.30 20.95 8.57
CA GLY A 280 -4.20 22.15 9.43
C GLY A 280 -5.39 22.45 10.34
N LYS A 281 -5.39 23.63 10.97
CA LYS A 281 -6.34 23.86 12.08
C LYS A 281 -7.70 24.42 11.64
N GLU A 282 -7.81 24.70 10.36
CA GLU A 282 -9.08 24.98 9.71
C GLU A 282 -9.89 23.70 9.42
N GLN A 283 -9.27 22.52 9.61
CA GLN A 283 -9.89 21.24 9.27
C GLN A 283 -10.68 20.66 10.44
N ALA A 284 -11.92 20.29 10.16
CA ALA A 284 -12.75 19.58 11.11
C ALA A 284 -12.43 18.06 11.14
N ASN A 285 -11.65 17.60 10.17
CA ASN A 285 -11.27 16.21 10.00
C ASN A 285 -12.49 15.31 9.79
N LEU A 286 -13.47 15.85 9.11
CA LEU A 286 -14.65 15.11 8.63
C LEU A 286 -14.95 15.55 7.24
N PHE A 287 -15.66 14.69 6.52
CA PHE A 287 -16.25 15.00 5.21
C PHE A 287 -17.76 14.89 5.27
N TYR A 288 -18.40 15.60 4.36
CA TYR A 288 -19.87 15.64 4.24
C TYR A 288 -20.19 15.21 2.82
N GLU A 289 -21.24 14.41 2.65
CA GLU A 289 -21.67 14.02 1.34
C GLU A 289 -22.91 14.80 0.92
N TYR A 290 -22.84 15.40 -0.26
CA TYR A 290 -23.95 16.14 -0.84
C TYR A 290 -24.05 15.80 -2.35
N GLU A 291 -25.19 15.25 -2.75
CA GLU A 291 -25.45 14.89 -4.14
C GLU A 291 -24.40 13.90 -4.67
N ASP A 292 -24.18 12.82 -3.92
CA ASP A 292 -23.18 11.79 -4.29
C ASP A 292 -21.71 12.27 -4.32
N GLU A 293 -21.44 13.44 -3.77
CA GLU A 293 -20.06 13.88 -3.74
C GLU A 293 -19.62 14.18 -2.34
N ARG A 294 -18.34 14.10 -2.14
CA ARG A 294 -17.74 14.26 -0.85
C ARG A 294 -17.01 15.59 -0.69
N PHE A 295 -17.31 16.36 0.38
CA PHE A 295 -16.73 17.68 0.61
C PHE A 295 -16.10 17.79 1.97
N LEU A 296 -14.97 18.47 2.02
CA LEU A 296 -14.30 18.76 3.26
C LEU A 296 -15.07 19.66 4.19
N ILE A 297 -15.31 19.25 5.44
CA ILE A 297 -15.80 20.20 6.43
C ILE A 297 -14.66 20.96 7.08
N GLU A 298 -14.76 22.28 7.04
CA GLU A 298 -13.74 23.16 7.58
C GLU A 298 -14.34 24.04 8.64
N LYS A 299 -13.47 24.77 9.36
CA LYS A 299 -13.82 25.52 10.55
C LYS A 299 -13.63 27.00 10.31
N ASP A 300 -14.53 27.81 10.88
CA ASP A 300 -14.54 29.26 10.67
C ASP A 300 -15.08 29.86 11.93
N ASN A 301 -14.17 30.30 12.78
CA ASN A 301 -14.55 30.97 14.02
C ASN A 301 -15.65 30.27 14.87
N GLY A 302 -15.42 28.99 15.19
CA GLY A 302 -16.34 28.25 16.04
C GLY A 302 -17.47 27.56 15.27
N ARG A 303 -17.61 27.89 14.00
CA ARG A 303 -18.62 27.24 13.16
C ARG A 303 -17.95 26.21 12.23
N PHE A 304 -18.79 25.47 11.55
CA PHE A 304 -18.40 24.43 10.60
C PHE A 304 -18.93 24.78 9.24
N VAL A 305 -18.04 24.76 8.23
CA VAL A 305 -18.41 25.25 6.92
C VAL A 305 -17.91 24.37 5.81
N ILE A 306 -18.65 24.41 4.72
CA ILE A 306 -18.22 23.85 3.48
C ILE A 306 -18.14 25.01 2.46
N LYS A 307 -16.92 25.42 2.15
CA LYS A 307 -16.69 26.63 1.42
C LYS A 307 -17.14 26.54 0.00
N GLU A 308 -17.03 25.38 -0.60
CA GLU A 308 -17.38 25.21 -1.99
C GLU A 308 -18.90 25.29 -2.19
N LEU A 309 -19.69 24.91 -1.17
CA LEU A 309 -21.17 24.91 -1.28
C LEU A 309 -21.82 26.07 -0.53
N ASP A 310 -21.02 26.98 0.00
CA ASP A 310 -21.50 28.07 0.91
C ASP A 310 -22.49 27.58 1.97
N LEU A 311 -22.14 26.49 2.64
CA LEU A 311 -23.02 25.90 3.67
C LEU A 311 -22.25 26.10 4.92
N GLY A 312 -22.98 26.40 6.00
CA GLY A 312 -22.38 26.32 7.32
C GLY A 312 -23.37 25.93 8.39
N TRP A 313 -22.81 25.64 9.55
CA TRP A 313 -23.56 25.20 10.70
C TRP A 313 -22.90 25.72 11.94
N THR A 314 -23.71 26.02 12.96
CA THR A 314 -23.17 26.12 14.30
C THR A 314 -22.86 24.69 14.79
N ARG A 315 -22.11 24.59 15.87
CA ARG A 315 -21.86 23.26 16.46
C ARG A 315 -23.16 22.55 16.83
N ASP A 316 -24.09 23.27 17.45
CA ASP A 316 -25.38 22.63 17.85
C ASP A 316 -26.18 22.19 16.64
N GLU A 317 -26.19 23.00 15.57
CA GLU A 317 -26.92 22.62 14.35
C GLU A 317 -26.31 21.39 13.73
N LEU A 318 -24.97 21.33 13.71
CA LEU A 318 -24.29 20.16 13.10
C LEU A 318 -24.49 18.85 13.88
N HIS A 319 -24.44 18.98 15.22
CA HIS A 319 -24.79 17.88 16.13
C HIS A 319 -26.16 17.29 15.77
N THR A 320 -27.18 18.12 15.63
CA THR A 320 -28.48 17.63 15.26
C THR A 320 -28.54 17.04 13.87
N HIS A 321 -27.83 17.69 12.94
CA HIS A 321 -27.73 17.18 11.62
C HIS A 321 -27.06 15.80 11.53
N MET A 322 -26.03 15.58 12.32
CA MET A 322 -25.39 14.25 12.46
C MET A 322 -26.36 13.15 12.97
N GLU A 323 -27.23 13.55 13.88
CA GLU A 323 -28.22 12.64 14.47
C GLU A 323 -29.24 12.25 13.44
N GLU A 324 -29.69 13.22 12.64
CA GLU A 324 -30.71 13.03 11.63
C GLU A 324 -30.21 12.40 10.36
N HIS A 325 -28.96 12.68 10.01
CA HIS A 325 -28.43 12.25 8.75
C HIS A 325 -26.96 11.77 8.89
N PRO A 326 -26.74 10.78 9.77
CA PRO A 326 -25.36 10.27 9.93
C PRO A 326 -24.76 9.73 8.62
N GLU A 327 -25.59 9.22 7.73
CA GLU A 327 -25.11 8.70 6.45
C GLU A 327 -24.34 9.72 5.58
N ARG A 328 -24.50 11.01 5.86
CA ARG A 328 -23.84 12.04 5.11
C ARG A 328 -22.41 12.34 5.58
N PHE A 329 -21.97 11.65 6.63
CA PHE A 329 -20.70 12.01 7.25
C PHE A 329 -19.71 10.87 7.06
N SER A 330 -18.43 11.23 7.06
CA SER A 330 -17.35 10.27 6.85
C SER A 330 -16.09 10.80 7.39
N ASN A 331 -15.16 9.89 7.59
CA ASN A 331 -13.91 10.21 8.28
C ASN A 331 -12.78 10.50 7.29
N ASN A 332 -11.77 11.20 7.77
CA ASN A 332 -10.55 11.34 7.02
C ASN A 332 -9.44 10.50 7.64
N VAL A 333 -8.21 10.70 7.15
CA VAL A 333 -7.05 9.95 7.68
C VAL A 333 -6.91 10.05 9.20
N VAL A 334 -7.21 11.23 9.79
CA VAL A 334 -7.06 11.50 11.17
C VAL A 334 -8.13 10.83 12.03
N THR A 335 -9.38 10.87 11.53
CA THR A 335 -10.49 10.40 12.32
C THR A 335 -10.87 8.95 12.08
N ARG A 336 -10.48 8.37 10.95
CA ARG A 336 -10.77 6.97 10.68
C ARG A 336 -10.28 6.04 11.81
N PRO A 337 -9.06 6.24 12.26
CA PRO A 337 -8.59 5.37 13.35
C PRO A 337 -9.37 5.51 14.64
N LEU A 338 -9.87 6.75 14.93
CA LEU A 338 -10.66 6.98 16.08
C LEU A 338 -12.06 6.30 15.94
N MET A 339 -12.62 6.35 14.74
CA MET A 339 -13.84 5.66 14.48
C MET A 339 -13.69 4.14 14.60
N GLN A 340 -12.59 3.60 14.06
CA GLN A 340 -12.31 2.19 14.17
C GLN A 340 -12.31 1.74 15.64
N GLU A 341 -11.63 2.52 16.49
CA GLU A 341 -11.47 2.16 17.87
C GLU A 341 -12.75 2.29 18.67
N PHE A 342 -13.60 3.26 18.30
CA PHE A 342 -14.95 3.38 18.82
C PHE A 342 -15.84 2.16 18.50
N LEU A 343 -15.79 1.71 17.26
CA LEU A 343 -16.73 0.74 16.75
C LEU A 343 -16.37 -0.66 17.16
N ILE A 344 -15.08 -0.99 17.09
CA ILE A 344 -14.63 -2.40 17.15
C ILE A 344 -13.77 -2.59 18.39
N PRO A 345 -14.09 -3.59 19.23
CA PRO A 345 -13.16 -3.98 20.34
C PRO A 345 -11.88 -4.58 19.73
N THR A 346 -10.83 -3.77 19.71
CA THR A 346 -9.64 -4.01 18.92
C THR A 346 -8.52 -4.51 19.83
N LEU A 347 -8.17 -5.78 19.68
CA LEU A 347 -6.99 -6.32 20.30
C LEU A 347 -5.73 -5.73 19.67
N ALA A 348 -5.68 -5.67 18.33
CA ALA A 348 -4.52 -5.18 17.58
C ALA A 348 -4.94 -4.59 16.27
N PHE A 349 -4.22 -3.56 15.87
CA PHE A 349 -4.33 -2.98 14.55
C PHE A 349 -3.12 -3.39 13.74
N ILE A 350 -3.38 -3.96 12.56
CA ILE A 350 -2.36 -4.35 11.63
C ILE A 350 -2.03 -3.19 10.69
N ALA A 351 -0.78 -2.78 10.69
CA ALA A 351 -0.34 -1.59 10.00
C ALA A 351 0.82 -1.82 9.02
N GLY A 352 0.76 -1.12 7.88
CA GLY A 352 1.86 -1.01 6.97
C GLY A 352 2.78 0.14 7.43
N PRO A 353 3.88 0.39 6.69
CA PRO A 353 4.89 1.35 7.15
C PRO A 353 4.38 2.80 7.11
N GLY A 354 3.61 3.18 6.09
CA GLY A 354 2.96 4.50 6.13
C GLY A 354 2.07 4.70 7.35
N GLU A 355 1.21 3.73 7.60
CA GLU A 355 0.33 3.76 8.75
C GLU A 355 1.05 3.77 10.09
N ILE A 356 2.15 3.04 10.24
CA ILE A 356 2.91 3.15 11.45
C ILE A 356 3.39 4.60 11.66
N ASN A 357 3.85 5.27 10.59
CA ASN A 357 4.35 6.65 10.67
C ASN A 357 3.20 7.56 11.10
N TYR A 358 2.05 7.46 10.41
CA TYR A 358 0.97 8.43 10.70
C TYR A 358 0.17 8.14 11.94
N TRP A 359 0.12 6.87 12.37
CA TRP A 359 -0.44 6.60 13.65
C TRP A 359 0.38 7.22 14.75
N GLY A 360 1.69 7.24 14.59
CA GLY A 360 2.49 8.01 15.54
C GLY A 360 2.09 9.50 15.64
N GLU A 361 1.57 10.08 14.55
CA GLU A 361 1.03 11.47 14.55
C GLU A 361 -0.29 11.59 15.37
N LEU A 362 -0.95 10.47 15.66
CA LEU A 362 -2.30 10.50 16.23
C LEU A 362 -2.38 10.18 17.73
N LYS A 363 -1.26 9.98 18.40
CA LYS A 363 -1.29 9.57 19.80
C LYS A 363 -2.13 10.49 20.73
N GLN A 364 -1.96 11.80 20.55
CA GLN A 364 -2.71 12.76 21.37
C GLN A 364 -4.16 12.79 20.88
N ALA A 365 -4.38 12.59 19.59
CA ALA A 365 -5.78 12.50 19.09
C ALA A 365 -6.59 11.41 19.81
N PHE A 366 -6.01 10.24 20.01
CA PHE A 366 -6.68 9.20 20.71
C PHE A 366 -7.05 9.63 22.12
N ALA A 367 -6.08 10.23 22.79
CA ALA A 367 -6.29 10.73 24.13
C ALA A 367 -7.43 11.76 24.20
N VAL A 368 -7.54 12.63 23.22
CA VAL A 368 -8.59 13.66 23.23
C VAL A 368 -9.98 12.98 23.20
N MET A 369 -10.05 11.81 22.57
CA MET A 369 -11.31 11.06 22.48
C MET A 369 -11.55 10.17 23.65
N GLY A 370 -10.57 10.10 24.56
CA GLY A 370 -10.75 9.34 25.77
C GLY A 370 -10.38 7.87 25.74
N PHE A 371 -9.60 7.45 24.77
CA PHE A 371 -9.14 6.07 24.84
C PHE A 371 -7.72 5.93 24.31
N LYS A 372 -7.09 4.83 24.68
CA LYS A 372 -5.77 4.49 24.24
C LYS A 372 -5.77 4.12 22.77
N MET A 373 -4.68 4.43 22.11
CA MET A 373 -4.37 3.87 20.80
C MET A 373 -4.22 2.39 20.94
N PRO A 374 -4.88 1.61 20.05
CA PRO A 374 -4.67 0.20 20.19
C PRO A 374 -3.27 -0.24 19.81
N PRO A 375 -2.88 -1.47 20.22
CA PRO A 375 -1.55 -1.92 19.82
C PRO A 375 -1.42 -1.95 18.29
N VAL A 376 -0.28 -1.50 17.78
CA VAL A 376 -0.02 -1.45 16.36
C VAL A 376 1.00 -2.49 16.01
N MET A 377 0.55 -3.50 15.30
CA MET A 377 1.37 -4.61 14.85
C MET A 377 1.73 -4.44 13.40
N PRO A 378 3.02 -4.41 13.10
CA PRO A 378 3.43 -4.35 11.70
C PRO A 378 2.90 -5.53 10.92
N ARG A 379 2.34 -5.27 9.75
CA ARG A 379 1.93 -6.39 8.93
C ARG A 379 3.15 -7.14 8.43
N LEU A 380 2.92 -8.36 7.97
CA LEU A 380 3.94 -9.16 7.33
C LEU A 380 4.36 -8.46 6.03
N ASN A 381 5.68 -8.36 5.84
CA ASN A 381 6.30 -7.95 4.59
C ASN A 381 6.80 -9.19 3.91
N ILE A 382 6.30 -9.44 2.71
CA ILE A 382 6.57 -10.67 1.97
C ILE A 382 7.13 -10.41 0.57
N THR A 383 8.09 -11.29 0.16
CA THR A 383 8.50 -11.41 -1.21
C THR A 383 8.24 -12.85 -1.66
N ILE A 384 7.53 -12.99 -2.78
CA ILE A 384 7.37 -14.27 -3.44
C ILE A 384 8.52 -14.49 -4.40
N LEU A 385 9.28 -15.55 -4.13
CA LEU A 385 10.41 -15.91 -4.95
C LEU A 385 10.04 -17.09 -5.83
N GLU A 386 9.81 -16.80 -7.11
CA GLU A 386 9.51 -17.81 -8.11
C GLU A 386 10.79 -18.59 -8.44
N ARG A 387 10.63 -19.85 -8.77
CA ARG A 387 11.81 -20.74 -8.94
C ARG A 387 12.74 -20.28 -10.09
N HIS A 388 12.19 -19.79 -11.20
CA HIS A 388 13.04 -19.30 -12.26
C HIS A 388 13.80 -18.03 -11.87
N ILE A 389 13.24 -17.24 -10.96
CA ILE A 389 13.95 -16.07 -10.42
C ILE A 389 15.05 -16.46 -9.45
N GLU A 390 14.82 -17.48 -8.67
CA GLU A 390 15.84 -17.94 -7.73
C GLU A 390 17.03 -18.52 -8.52
N LYS A 391 16.73 -19.16 -9.63
CA LYS A 391 17.76 -19.71 -10.49
C LYS A 391 18.61 -18.62 -11.13
N LYS A 392 17.94 -17.57 -11.60
CA LYS A 392 18.63 -16.42 -12.16
C LYS A 392 19.47 -15.64 -11.14
N LEU A 393 18.97 -15.44 -9.93
CA LEU A 393 19.78 -14.83 -8.84
C LEU A 393 21.10 -15.61 -8.71
N ALA A 394 20.98 -16.91 -8.72
CA ALA A 394 22.19 -17.78 -8.52
C ALA A 394 23.16 -17.65 -9.71
N GLU A 395 22.63 -17.71 -10.92
CA GLU A 395 23.38 -17.55 -12.16
C GLU A 395 24.10 -16.23 -12.28
N ARG A 396 23.49 -15.16 -11.75
CA ARG A 396 24.07 -13.81 -11.82
C ARG A 396 24.86 -13.41 -10.60
N ASN A 397 25.04 -14.37 -9.69
CA ASN A 397 25.80 -14.13 -8.47
C ASN A 397 25.28 -12.96 -7.64
N ILE A 398 23.96 -12.91 -7.48
CA ILE A 398 23.35 -11.89 -6.67
C ILE A 398 22.68 -12.57 -5.42
N SER A 399 22.95 -12.03 -4.26
CA SER A 399 22.38 -12.56 -3.04
C SER A 399 20.90 -12.11 -2.96
N LEU A 400 20.01 -13.00 -2.53
CA LEU A 400 18.60 -12.64 -2.41
C LEU A 400 18.37 -11.36 -1.66
N GLN A 401 18.99 -11.25 -0.49
CA GLN A 401 18.81 -10.06 0.31
C GLN A 401 19.20 -8.76 -0.42
N ASP A 402 20.31 -8.84 -1.16
CA ASP A 402 20.79 -7.70 -1.92
C ASP A 402 19.73 -7.25 -2.95
N ALA A 403 19.15 -8.21 -3.65
CA ALA A 403 18.11 -7.93 -4.63
C ALA A 403 16.89 -7.31 -3.97
N ILE A 404 16.50 -7.84 -2.81
CA ILE A 404 15.30 -7.34 -2.14
C ILE A 404 15.57 -5.91 -1.66
N GLU A 405 16.84 -5.62 -1.29
CA GLU A 405 17.14 -4.30 -0.71
C GLU A 405 17.33 -3.24 -1.74
N ARG A 406 17.93 -3.60 -2.87
CA ARG A 406 18.27 -2.58 -3.86
C ARG A 406 18.14 -2.93 -5.34
N GLY A 407 17.44 -4.00 -5.68
CA GLY A 407 17.28 -4.45 -7.05
C GLY A 407 18.60 -4.97 -7.64
N THR A 408 18.75 -4.80 -8.95
CA THR A 408 19.85 -5.49 -9.69
C THR A 408 20.56 -4.54 -10.62
N GLU A 409 20.15 -3.28 -10.62
CA GLU A 409 20.71 -2.33 -11.57
C GLU A 409 22.19 -2.10 -11.46
N ASN A 410 22.70 -1.90 -10.23
CA ASN A 410 24.14 -1.71 -10.06
C ASN A 410 24.95 -2.89 -10.45
N GLN A 411 24.45 -4.08 -10.10
CA GLN A 411 25.09 -5.35 -10.51
C GLN A 411 25.17 -5.53 -12.04
N ARG A 412 24.05 -5.21 -12.71
CA ARG A 412 23.99 -5.28 -14.16
C ARG A 412 25.05 -4.38 -14.85
N GLU A 413 25.13 -3.17 -14.34
CA GLU A 413 26.08 -2.15 -14.81
C GLU A 413 27.53 -2.63 -14.62
N THR A 414 27.82 -3.27 -13.49
CA THR A 414 29.15 -3.92 -13.27
C THR A 414 29.46 -5.06 -14.20
N TYR A 415 28.46 -5.87 -14.55
CA TYR A 415 28.65 -6.94 -15.42
C TYR A 415 28.94 -6.42 -16.81
N PHE A 416 28.17 -5.41 -17.20
CA PHE A 416 28.31 -4.87 -18.55
C PHE A 416 29.72 -4.32 -18.74
N GLU A 417 30.19 -3.57 -17.76
CA GLU A 417 31.53 -2.95 -17.84
C GLU A 417 32.65 -3.94 -17.92
N ARG A 418 32.52 -4.99 -17.14
CA ARG A 418 33.47 -6.07 -17.28
C ARG A 418 33.44 -6.70 -18.67
N GLN A 419 32.45 -6.42 -19.52
CA GLN A 419 32.49 -6.95 -20.88
C GLN A 419 33.20 -5.99 -21.92
N ILE A 420 33.49 -4.80 -21.47
CA ILE A 420 34.22 -3.80 -22.29
C ILE A 420 35.71 -4.13 -22.11
N PRO A 421 36.36 -4.49 -23.20
CA PRO A 421 37.79 -4.79 -23.03
C PRO A 421 38.58 -3.66 -22.37
N GLU A 422 39.55 -3.99 -21.50
CA GLU A 422 40.18 -2.96 -20.63
C GLU A 422 40.99 -2.00 -21.46
N GLU A 423 41.47 -2.54 -22.56
CA GLU A 423 42.34 -1.75 -23.35
C GLU A 423 41.56 -0.82 -24.30
N PHE A 424 40.27 -1.11 -24.50
CA PHE A 424 39.41 -0.17 -25.24
C PHE A 424 39.29 1.14 -24.52
N THR A 425 38.88 1.16 -23.25
CA THR A 425 38.66 2.39 -22.57
C THR A 425 39.90 3.29 -22.56
N ALA A 426 41.05 2.66 -22.36
CA ALA A 426 42.28 3.40 -22.21
C ALA A 426 42.70 3.96 -23.56
N VAL A 427 42.56 3.18 -24.62
CA VAL A 427 42.97 3.70 -25.93
C VAL A 427 41.97 4.74 -26.43
N MET A 428 40.70 4.60 -26.08
CA MET A 428 39.67 5.57 -26.50
C MET A 428 39.91 6.92 -25.78
N ASP A 429 40.18 6.84 -24.48
CA ASP A 429 40.52 8.03 -23.70
C ASP A 429 41.74 8.75 -24.25
N GLN A 430 42.76 7.97 -24.56
CA GLN A 430 44.02 8.49 -25.05
C GLN A 430 43.80 9.10 -26.44
N ALA A 431 43.03 8.44 -27.28
CA ALA A 431 42.78 8.95 -28.64
C ALA A 431 42.11 10.33 -28.62
N LYS A 432 41.06 10.48 -27.81
CA LYS A 432 40.34 11.75 -27.70
C LYS A 432 41.29 12.87 -27.38
N SER A 433 42.11 12.63 -26.36
CA SER A 433 43.06 13.62 -25.95
C SER A 433 44.17 13.87 -27.03
N GLN A 434 44.71 12.80 -27.66
CA GLN A 434 45.80 13.01 -28.59
C GLN A 434 45.28 13.68 -29.87
N ILE A 435 44.07 13.32 -30.30
CA ILE A 435 43.49 13.89 -31.50
C ILE A 435 43.24 15.40 -31.29
N GLU A 436 42.74 15.76 -30.12
CA GLU A 436 42.52 17.17 -29.79
C GLU A 436 43.83 17.95 -29.74
N ALA A 437 44.90 17.35 -29.24
CA ALA A 437 46.23 18.00 -29.26
C ALA A 437 46.76 18.21 -30.71
N ILE A 438 46.57 17.21 -31.54
CA ILE A 438 46.97 17.36 -32.94
C ILE A 438 46.12 18.45 -33.60
N HIS A 439 44.81 18.41 -33.35
CA HIS A 439 43.91 19.34 -34.03
C HIS A 439 44.27 20.77 -33.62
N LYS A 440 44.65 20.91 -32.35
CA LYS A 440 45.09 22.22 -31.84
C LYS A 440 46.29 22.78 -32.63
N THR A 441 47.27 21.94 -32.92
CA THR A 441 48.41 22.37 -33.70
C THR A 441 47.98 22.88 -35.09
N VAL A 442 47.04 22.21 -35.73
CA VAL A 442 46.44 22.72 -36.96
C VAL A 442 45.74 24.03 -36.78
N ARG A 443 44.93 24.15 -35.73
CA ARG A 443 44.22 25.41 -35.50
C ARG A 443 45.21 26.54 -35.28
N GLN A 444 46.29 26.25 -34.56
CA GLN A 444 47.38 27.25 -34.39
C GLN A 444 47.96 27.75 -35.72
N GLU A 445 48.17 26.86 -36.68
CA GLU A 445 48.58 27.31 -38.02
C GLU A 445 47.51 28.02 -38.82
N ALA A 446 46.26 27.57 -38.71
CA ALA A 446 45.18 28.14 -39.48
C ALA A 446 44.91 29.56 -39.04
N LEU A 447 44.97 29.77 -37.73
CA LEU A 447 44.63 31.04 -37.10
C LEU A 447 45.61 32.17 -37.52
N LYS A 448 46.84 31.79 -37.90
CA LYS A 448 47.79 32.75 -38.48
C LYS A 448 47.34 33.36 -39.82
N VAL A 449 46.39 32.72 -40.50
CA VAL A 449 45.75 33.29 -41.67
C VAL A 449 44.71 34.35 -41.31
N ASP A 450 43.87 34.07 -40.31
CA ASP A 450 42.75 34.92 -39.98
C ASP A 450 42.25 34.56 -38.58
N GLN A 451 42.31 35.48 -37.64
CA GLN A 451 41.82 35.20 -36.32
C GLN A 451 40.32 34.91 -36.29
N SER A 452 39.53 35.40 -37.25
CA SER A 452 38.05 35.20 -37.24
C SER A 452 37.65 33.74 -37.55
N LEU A 453 38.63 32.94 -37.92
CA LEU A 453 38.41 31.48 -38.12
C LEU A 453 38.16 30.75 -36.83
N GLU A 454 38.55 31.33 -35.69
CA GLU A 454 38.57 30.53 -34.47
C GLU A 454 37.26 29.74 -34.19
N PRO A 455 36.11 30.39 -34.20
CA PRO A 455 34.85 29.64 -33.99
C PRO A 455 34.71 28.40 -34.92
N LEU A 456 35.01 28.60 -36.21
CA LEU A 456 34.84 27.53 -37.18
C LEU A 456 35.82 26.40 -36.86
N LEU A 457 37.01 26.77 -36.44
CA LEU A 457 38.06 25.78 -36.15
C LEU A 457 37.66 24.99 -34.88
N LEU A 458 37.10 25.68 -33.90
CA LEU A 458 36.64 25.00 -32.64
C LEU A 458 35.40 24.11 -32.87
N LYS A 459 34.51 24.54 -33.74
CA LYS A 459 33.45 23.68 -34.25
C LYS A 459 33.93 22.39 -34.91
N ASN A 460 34.89 22.53 -35.82
CA ASN A 460 35.55 21.40 -36.44
C ASN A 460 36.12 20.40 -35.41
N ALA A 461 36.82 20.90 -34.41
CA ALA A 461 37.42 20.05 -33.37
C ALA A 461 36.30 19.29 -32.61
N ALA A 462 35.22 20.00 -32.30
CA ALA A 462 34.11 19.39 -31.54
C ALA A 462 33.36 18.35 -32.34
N PHE A 463 33.24 18.57 -33.66
CA PHE A 463 32.65 17.62 -34.56
C PHE A 463 33.46 16.29 -34.61
N ILE A 464 34.77 16.42 -34.59
CA ILE A 464 35.65 15.27 -34.56
C ILE A 464 35.49 14.52 -33.23
N GLN A 465 35.45 15.26 -32.12
CA GLN A 465 35.26 14.60 -30.81
C GLN A 465 33.89 13.93 -30.72
N ASP A 466 32.89 14.49 -31.41
CA ASP A 466 31.57 13.86 -31.51
C ASP A 466 31.61 12.53 -32.27
N GLN A 467 32.38 12.48 -33.35
CA GLN A 467 32.60 11.25 -34.01
C GLN A 467 33.21 10.18 -33.12
N LEU A 468 34.16 10.55 -32.27
CA LEU A 468 34.82 9.59 -31.40
C LEU A 468 33.82 9.09 -30.35
N GLN A 469 33.03 10.02 -29.81
CA GLN A 469 31.94 9.62 -28.87
C GLN A 469 30.95 8.71 -29.55
N PHE A 470 30.60 8.98 -30.80
CA PHE A 470 29.67 8.12 -31.49
C PHE A 470 30.24 6.74 -31.71
N LEU A 471 31.54 6.66 -31.97
CA LEU A 471 32.22 5.40 -32.09
C LEU A 471 32.05 4.60 -30.78
N GLU A 472 32.38 5.22 -29.69
CA GLU A 472 32.30 4.63 -28.32
C GLU A 472 30.88 4.15 -28.08
N ARG A 473 29.87 5.00 -28.41
CA ARG A 473 28.47 4.64 -28.16
C ARG A 473 28.11 3.41 -29.02
N THR A 474 28.61 3.35 -30.24
CA THR A 474 28.38 2.23 -31.09
C THR A 474 28.96 0.93 -30.54
N VAL A 475 30.20 0.97 -30.10
CA VAL A 475 30.83 -0.23 -29.50
C VAL A 475 30.04 -0.70 -28.26
N MET A 476 29.59 0.25 -27.45
CA MET A 476 28.76 -0.09 -26.24
C MET A 476 27.43 -0.75 -26.64
N LYS A 477 26.81 -0.24 -27.68
CA LYS A 477 25.55 -0.82 -28.15
C LYS A 477 25.76 -2.23 -28.63
N ARG A 478 26.89 -2.47 -29.28
CA ARG A 478 27.16 -3.82 -29.75
C ARG A 478 27.39 -4.79 -28.59
N ILE A 479 28.06 -4.34 -27.55
CA ILE A 479 28.27 -5.16 -26.36
C ILE A 479 26.89 -5.49 -25.74
N GLU A 480 26.05 -4.45 -25.61
CA GLU A 480 24.66 -4.62 -25.14
C GLU A 480 23.90 -5.72 -25.92
N GLU A 481 24.03 -5.72 -27.23
CA GLU A 481 23.45 -6.76 -28.09
C GLU A 481 24.08 -8.13 -27.83
N LYS A 482 25.38 -8.23 -28.00
CA LYS A 482 26.06 -9.48 -27.72
C LYS A 482 25.64 -10.12 -26.38
N GLU A 483 25.50 -9.31 -25.32
CA GLU A 483 25.30 -9.82 -23.94
C GLU A 483 23.84 -9.76 -23.51
N GLY A 484 22.98 -9.52 -24.46
CA GLY A 484 21.58 -9.22 -24.27
C GLY A 484 20.88 -10.31 -23.46
N TYR A 485 21.19 -11.59 -23.66
CA TYR A 485 20.48 -12.65 -22.87
C TYR A 485 20.80 -12.61 -21.34
N VAL A 486 22.07 -12.43 -21.01
CA VAL A 486 22.46 -12.22 -19.63
C VAL A 486 21.91 -10.92 -19.02
N LEU A 487 22.09 -9.82 -19.74
CA LEU A 487 21.66 -8.53 -19.22
C LEU A 487 20.16 -8.54 -18.94
N LYS A 488 19.39 -9.15 -19.85
CA LYS A 488 17.93 -9.26 -19.64
C LYS A 488 17.62 -10.03 -18.35
N ASP A 489 18.46 -11.00 -17.96
CA ASP A 489 18.20 -11.71 -16.68
C ASP A 489 18.32 -10.84 -15.45
N TYR A 490 19.27 -9.89 -15.44
CA TYR A 490 19.31 -8.92 -14.37
C TYR A 490 18.00 -8.16 -14.28
N GLU A 491 17.51 -7.75 -15.45
CA GLU A 491 16.23 -7.00 -15.54
C GLU A 491 15.03 -7.86 -15.07
N ARG A 492 15.01 -9.14 -15.42
CA ARG A 492 13.91 -9.99 -15.02
C ARG A 492 13.87 -10.14 -13.52
N ILE A 493 15.01 -10.31 -12.88
CA ILE A 493 15.06 -10.48 -11.45
C ILE A 493 14.48 -9.23 -10.79
N GLN A 494 14.98 -8.08 -11.22
CA GLN A 494 14.49 -6.83 -10.66
C GLN A 494 12.99 -6.67 -10.88
N ASN A 495 12.53 -7.03 -12.05
CA ASN A 495 11.09 -6.83 -12.41
C ASN A 495 10.18 -7.60 -11.47
N SER A 496 10.66 -8.78 -11.07
CA SER A 496 9.95 -9.61 -10.13
C SER A 496 10.06 -9.16 -8.70
N ILE A 497 11.27 -8.91 -8.22
CA ILE A 497 11.54 -8.71 -6.83
C ILE A 497 11.45 -7.24 -6.36
N LYS A 498 11.92 -6.31 -7.18
CA LYS A 498 11.98 -4.89 -6.80
C LYS A 498 11.64 -4.01 -8.00
N PRO A 499 10.44 -4.23 -8.57
CA PRO A 499 10.00 -3.54 -9.76
C PRO A 499 9.99 -2.01 -9.48
N LEU A 500 10.57 -1.26 -10.38
CA LEU A 500 10.68 0.19 -10.26
C LEU A 500 11.45 0.59 -9.03
N LEU A 501 12.30 -0.29 -8.52
CA LEU A 501 13.00 -0.09 -7.26
C LEU A 501 12.10 0.05 -6.06
N ALA A 502 10.86 -0.46 -6.19
CA ALA A 502 9.97 -0.60 -5.06
C ALA A 502 9.74 -2.06 -4.70
N PRO A 503 9.26 -2.33 -3.48
CA PRO A 503 9.02 -3.71 -3.17
C PRO A 503 7.98 -4.35 -4.03
N GLN A 504 8.22 -5.63 -4.35
CA GLN A 504 7.26 -6.44 -5.05
C GLN A 504 5.81 -6.23 -4.55
N GLU A 505 5.66 -6.21 -3.24
CA GLU A 505 4.33 -6.21 -2.64
C GLU A 505 3.61 -4.88 -2.84
N ARG A 506 4.33 -3.82 -3.24
CA ARG A 506 3.69 -2.54 -3.50
C ARG A 506 3.23 -2.31 -4.93
N ILE A 507 3.80 -3.07 -5.85
CA ILE A 507 3.67 -2.88 -7.30
C ILE A 507 2.82 -3.94 -7.92
N TRP A 508 3.11 -5.18 -7.64
CA TRP A 508 2.36 -6.26 -8.27
C TRP A 508 1.10 -6.64 -7.49
N ASN A 509 0.39 -7.58 -8.05
CA ASN A 509 -0.99 -7.96 -7.71
C ASN A 509 -1.17 -9.45 -7.78
N ILE A 510 -2.16 -9.97 -7.05
CA ILE A 510 -2.31 -11.41 -6.89
C ILE A 510 -2.67 -12.18 -8.15
N MET A 511 -3.30 -11.52 -9.13
CA MET A 511 -3.80 -12.27 -10.29
C MET A 511 -2.71 -12.96 -11.09
N TYR A 512 -1.54 -12.32 -11.21
CA TYR A 512 -0.45 -12.95 -11.95
C TYR A 512 -0.12 -14.32 -11.34
N TYR A 513 -0.07 -14.36 -10.03
CA TYR A 513 0.29 -15.55 -9.27
C TYR A 513 -0.79 -16.60 -9.27
N LEU A 514 -2.06 -16.19 -9.12
CA LEU A 514 -3.13 -17.17 -9.28
C LEU A 514 -3.18 -17.74 -10.66
N ASN A 515 -2.91 -16.94 -11.67
CA ASN A 515 -2.96 -17.39 -13.05
C ASN A 515 -1.84 -18.36 -13.31
N ARG A 516 -0.65 -18.04 -12.83
CA ARG A 516 0.48 -18.93 -13.10
C ARG A 516 0.45 -20.22 -12.29
N TYR A 517 0.09 -20.14 -11.01
CA TYR A 517 0.34 -21.20 -10.06
C TYR A 517 -0.92 -21.91 -9.57
N GLY A 518 -2.05 -21.25 -9.71
CA GLY A 518 -3.34 -21.86 -9.40
C GLY A 518 -3.83 -21.77 -7.96
N PRO A 519 -5.05 -22.29 -7.72
CA PRO A 519 -5.64 -22.19 -6.41
C PRO A 519 -4.92 -22.95 -5.33
N LYS A 520 -4.23 -24.02 -5.71
CA LYS A 520 -3.49 -24.81 -4.74
C LYS A 520 -2.30 -24.03 -4.20
N PHE A 521 -1.65 -23.27 -5.06
CA PHE A 521 -0.69 -22.30 -4.60
C PHE A 521 -1.26 -21.42 -3.52
N PHE A 522 -2.43 -20.83 -3.73
CA PHE A 522 -2.94 -19.81 -2.79
C PHE A 522 -3.32 -20.42 -1.43
N THR A 523 -3.95 -21.58 -1.50
CA THR A 523 -4.27 -22.36 -0.32
C THR A 523 -3.03 -22.63 0.53
N THR A 524 -1.96 -23.10 -0.11
CA THR A 524 -0.74 -23.36 0.61
C THR A 524 -0.14 -22.08 1.18
N PHE A 525 -0.14 -21.02 0.37
CA PHE A 525 0.42 -19.73 0.72
C PHE A 525 -0.24 -19.19 1.99
N LYS A 526 -1.57 -19.19 2.00
CA LYS A 526 -2.32 -18.73 3.17
C LYS A 526 -1.97 -19.41 4.45
N ASN A 527 -1.59 -20.66 4.32
CA ASN A 527 -1.48 -21.53 5.46
C ASN A 527 -0.04 -21.75 5.91
N LEU A 528 0.89 -21.06 5.28
CA LEU A 528 2.27 -21.08 5.73
C LEU A 528 2.40 -20.59 7.15
N PRO A 529 3.41 -21.10 7.90
CA PRO A 529 3.65 -20.71 9.30
C PRO A 529 4.33 -19.37 9.50
N PHE A 530 3.71 -18.29 9.06
CA PHE A 530 4.27 -16.96 9.25
C PHE A 530 4.41 -16.60 10.70
N SER A 531 5.39 -15.80 11.02
CA SER A 531 5.51 -15.34 12.39
C SER A 531 5.75 -13.87 12.38
N PHE A 532 5.33 -13.23 13.45
CA PHE A 532 5.54 -11.84 13.69
C PHE A 532 6.81 -11.60 14.51
N GLN A 533 7.99 -11.82 13.91
CA GLN A 533 9.26 -11.46 14.59
C GLN A 533 9.87 -10.26 13.86
N ASN A 534 9.10 -9.64 12.97
CA ASN A 534 9.55 -8.41 12.30
C ASN A 534 10.63 -8.68 11.24
N GLN A 535 10.70 -9.91 10.74
CA GLN A 535 11.65 -10.28 9.73
C GLN A 535 10.87 -10.24 8.40
N HIS A 536 11.55 -9.88 7.32
CA HIS A 536 11.01 -10.00 5.97
C HIS A 536 10.78 -11.49 5.64
N GLN A 537 9.61 -11.80 5.08
CA GLN A 537 9.26 -13.19 4.80
C GLN A 537 9.50 -13.44 3.35
N VAL A 538 10.19 -14.53 3.06
CA VAL A 538 10.38 -14.92 1.70
C VAL A 538 9.67 -16.23 1.44
N VAL A 539 8.72 -16.22 0.51
CA VAL A 539 7.99 -17.42 0.14
C VAL A 539 8.60 -17.97 -1.12
N LYS A 540 9.24 -19.14 -1.01
CA LYS A 540 9.94 -19.77 -2.12
C LYS A 540 9.05 -20.82 -2.75
N LEU A 541 8.76 -20.64 -4.01
CA LEU A 541 7.83 -21.54 -4.68
C LEU A 541 8.57 -22.79 -5.16
PB ADP B . 9.62 -12.57 -19.15
O1B ADP B . 8.49 -13.51 -19.27
O2B ADP B . 10.35 -12.89 -17.92
O3B ADP B . 10.38 -12.34 -20.35
PA ADP B . 8.97 -9.99 -18.13
O1A ADP B . 7.68 -9.38 -18.41
O2A ADP B . 10.15 -9.27 -18.40
O3A ADP B . 8.85 -11.21 -19.05
O5' ADP B . 8.94 -10.43 -16.63
C5' ADP B . 10.06 -10.68 -15.86
C4' ADP B . 9.61 -11.44 -14.60
O4' ADP B . 8.81 -10.63 -13.80
C3' ADP B . 8.75 -12.65 -14.87
O3' ADP B . 9.51 -13.76 -15.28
C2' ADP B . 7.97 -12.81 -13.60
O2' ADP B . 8.77 -13.49 -12.65
C1' ADP B . 7.76 -11.36 -13.22
N9 ADP B . 6.46 -10.82 -13.69
C8 ADP B . 6.05 -10.64 -14.93
N7 ADP B . 4.82 -10.13 -14.95
C5 ADP B . 4.42 -9.98 -13.70
C6 ADP B . 3.22 -9.54 -13.02
N6 ADP B . 2.19 -9.09 -13.73
N1 ADP B . 3.22 -9.59 -11.71
C2 ADP B . 4.25 -10.01 -11.02
N3 ADP B . 5.37 -10.45 -11.55
C4 ADP B . 5.51 -10.44 -12.86
C1 CIT C . -0.81 3.55 3.38
O1 CIT C . -1.85 3.57 3.95
O2 CIT C . 0.03 4.43 3.55
C2 CIT C . -0.51 2.32 2.53
C3 CIT C . -0.13 1.16 3.44
O7 CIT C . -1.21 0.65 4.17
C4 CIT C . 0.29 -0.01 2.61
C5 CIT C . 0.78 -1.10 3.47
O3 CIT C . 0.00 -1.70 4.19
O4 CIT C . 1.95 -1.35 3.36
C6 CIT C . 1.04 1.60 4.31
O5 CIT C . 0.91 1.57 5.50
O6 CIT C . 2.02 2.05 3.71
C1 GOL D . -5.87 1.53 4.73
O1 GOL D . -4.82 2.34 5.18
C2 GOL D . -6.91 1.78 5.77
O2 GOL D . -6.22 2.24 6.89
C3 GOL D . -7.76 2.86 5.19
O3 GOL D . -7.07 4.09 5.15
#